data_3HWR
#
_entry.id   3HWR
#
_cell.length_a   116.210
_cell.length_b   116.210
_cell.length_c   95.604
_cell.angle_alpha   90.000
_cell.angle_beta   90.000
_cell.angle_gamma   120.000
#
_symmetry.space_group_name_H-M   'P 61'
#
loop_
_entity.id
_entity.type
_entity.pdbx_description
1 polymer '2-dehydropantoate 2-reductase'
2 non-polymer 'NADPH DIHYDRO-NICOTINAMIDE-ADENINE-DINUCLEOTIDE PHOSPHATE'
3 non-polymer BICINE
4 non-polymer (4R)-2-METHYLPENTANE-2,4-DIOL
5 water water
#
_entity_poly.entity_id   1
_entity_poly.type   'polypeptide(L)'
_entity_poly.pdbx_seq_one_letter_code
;(MSE)GSDKIHHHHHHENLYFQG(MSE)KVAI(MSE)GAGAVGCYYGG(MSE)LARAGHEVILIARPQHVQAIEATGLRL
ETQSFDEQVKVSASSDPSAVQGADLVLFCVKSTDTQSAALA(MSE)KPALAKSALVLSLQNGVENADTLRSLLEQEVAAA
VVYVATE(MSE)AGPGHVRHHGRGELVIEPTSHGANLAAIFAAAGVPVETSDNVRGALWAKLILNCAYNALSAITQLPYG
RLVRGEGVEAV(MSE)RDV(MSE)EECFAVARAEGVKLPDDVALAIRRIAET(MSE)PRQSSSTAQDLARGKRSEIDHLN
GLIVRRGDALGIPVPANRVLHALVRLIEDKQQHG
;
_entity_poly.pdbx_strand_id   A,B
#
# COMPACT_ATOMS: atom_id res chain seq x y z
N LYS A 21 -4.69 46.08 -4.10
CA LYS A 21 -5.75 45.13 -4.46
C LYS A 21 -5.15 43.71 -4.56
N VAL A 22 -5.77 42.76 -3.85
CA VAL A 22 -5.28 41.40 -3.78
C VAL A 22 -6.35 40.36 -4.14
N ALA A 23 -5.99 39.40 -5.01
CA ALA A 23 -6.90 38.30 -5.37
C ALA A 23 -6.35 36.97 -4.84
N ILE A 24 -7.23 36.12 -4.34
CA ILE A 24 -6.81 34.79 -3.86
C ILE A 24 -7.46 33.80 -4.80
N GLY A 26 -8.23 30.24 -5.72
CA GLY A 26 -8.35 28.94 -5.09
C GLY A 26 -8.43 29.13 -3.59
N ALA A 27 -9.41 29.91 -3.16
CA ALA A 27 -9.61 30.19 -1.74
C ALA A 27 -10.13 28.97 -0.97
N GLY A 28 -9.20 28.11 -0.60
CA GLY A 28 -9.45 26.96 0.25
C GLY A 28 -8.80 27.27 1.60
N ALA A 29 -8.19 26.27 2.23
CA ALA A 29 -7.55 26.41 3.55
C ALA A 29 -6.44 27.49 3.67
N VAL A 30 -5.45 27.42 2.78
CA VAL A 30 -4.32 28.37 2.73
C VAL A 30 -4.82 29.74 2.21
N GLY A 31 -5.51 29.73 1.08
CA GLY A 31 -6.05 30.96 0.48
C GLY A 31 -6.90 31.80 1.42
N CYS A 32 -7.78 31.14 2.17
CA CYS A 32 -8.62 31.86 3.12
C CYS A 32 -7.88 32.39 4.33
N TYR A 33 -6.90 31.64 4.82
CA TYR A 33 -6.13 32.13 5.97
C TYR A 33 -5.37 33.42 5.62
N TYR A 34 -4.42 33.30 4.69
CA TYR A 34 -3.58 34.41 4.22
C TYR A 34 -4.40 35.55 3.67
N GLY A 35 -5.36 35.23 2.80
CA GLY A 35 -6.28 36.25 2.28
C GLY A 35 -7.11 36.91 3.37
N GLY A 36 -7.53 36.12 4.36
CA GLY A 36 -8.34 36.59 5.48
C GLY A 36 -7.62 37.57 6.41
N LEU A 38 -5.05 39.46 5.46
CA LEU A 38 -4.91 40.68 4.65
C LEU A 38 -6.20 41.50 4.63
N ALA A 39 -7.34 40.84 4.44
CA ALA A 39 -8.65 41.53 4.40
C ALA A 39 -9.03 42.13 5.77
N ARG A 40 -8.65 41.40 6.82
CA ARG A 40 -8.82 41.80 8.21
C ARG A 40 -7.92 43.01 8.53
N ALA A 41 -6.73 43.06 7.92
CA ALA A 41 -5.80 44.16 8.12
C ALA A 41 -6.12 45.41 7.28
N GLY A 42 -7.19 45.38 6.50
CA GLY A 42 -7.63 46.55 5.72
C GLY A 42 -7.39 46.57 4.22
N HIS A 43 -6.91 45.47 3.65
CA HIS A 43 -6.68 45.40 2.21
C HIS A 43 -7.97 44.97 1.48
N GLU A 44 -8.04 45.31 0.18
CA GLU A 44 -9.17 44.92 -0.70
C GLU A 44 -8.87 43.53 -1.27
N VAL A 45 -9.47 42.51 -0.67
CA VAL A 45 -9.24 41.13 -1.05
C VAL A 45 -10.48 40.47 -1.63
N ILE A 46 -10.30 39.76 -2.76
CA ILE A 46 -11.39 38.98 -3.37
C ILE A 46 -10.98 37.51 -3.47
N LEU A 47 -11.84 36.64 -2.98
CA LEU A 47 -11.58 35.21 -2.95
C LEU A 47 -12.25 34.50 -4.11
N ILE A 48 -11.47 33.86 -4.99
CA ILE A 48 -12.05 33.05 -6.07
C ILE A 48 -12.15 31.65 -5.44
N ALA A 49 -13.34 31.33 -4.94
CA ALA A 49 -13.59 30.05 -4.27
C ALA A 49 -14.66 29.26 -5.03
N ARG A 50 -14.89 28.02 -4.59
CA ARG A 50 -15.95 27.19 -5.15
C ARG A 50 -17.27 27.74 -4.63
N PRO A 51 -18.40 27.47 -5.35
CA PRO A 51 -19.72 27.99 -4.93
C PRO A 51 -20.15 27.63 -3.49
N GLN A 52 -19.86 26.40 -3.07
CA GLN A 52 -20.10 25.94 -1.68
C GLN A 52 -19.72 27.05 -0.67
N HIS A 53 -18.54 27.63 -0.87
CA HIS A 53 -17.99 28.68 0.00
C HIS A 53 -18.46 30.07 -0.35
N VAL A 54 -18.49 30.39 -1.65
CA VAL A 54 -18.94 31.71 -2.14
C VAL A 54 -20.30 32.13 -1.55
N GLN A 55 -21.23 31.18 -1.48
CA GLN A 55 -22.57 31.45 -0.97
CA GLN A 55 -22.58 31.44 -0.94
C GLN A 55 -22.55 31.67 0.56
N ALA A 56 -21.60 31.03 1.23
CA ALA A 56 -21.41 31.15 2.68
C ALA A 56 -20.76 32.50 3.04
N ILE A 57 -19.84 32.96 2.19
CA ILE A 57 -19.14 34.23 2.39
C ILE A 57 -20.08 35.36 2.04
N GLU A 58 -20.74 35.27 0.88
CA GLU A 58 -21.72 36.28 0.47
C GLU A 58 -22.87 36.44 1.49
N ALA A 59 -23.08 35.40 2.32
CA ALA A 59 -24.14 35.38 3.35
C ALA A 59 -23.68 35.89 4.73
N THR A 60 -22.69 35.22 5.34
CA THR A 60 -22.20 35.61 6.69
C THR A 60 -20.73 36.10 6.75
N GLY A 61 -20.05 36.17 5.61
CA GLY A 61 -18.64 36.60 5.55
C GLY A 61 -17.71 35.45 5.85
N LEU A 62 -16.42 35.67 5.66
CA LEU A 62 -15.42 34.66 5.95
C LEU A 62 -15.21 34.53 7.46
N ARG A 63 -15.35 33.30 7.96
CA ARG A 63 -15.08 33.03 9.36
C ARG A 63 -13.60 32.66 9.48
N LEU A 64 -12.87 33.48 10.22
CA LEU A 64 -11.44 33.30 10.42
C LEU A 64 -11.14 32.99 11.89
N GLU A 65 -11.01 31.70 12.16
CA GLU A 65 -10.76 31.19 13.49
C GLU A 65 -9.29 30.75 13.66
N THR A 66 -8.57 31.43 14.56
CA THR A 66 -7.17 31.18 14.91
CA THR A 66 -7.19 31.10 14.90
C THR A 66 -7.20 30.67 16.35
N GLN A 67 -6.09 30.16 16.88
CA GLN A 67 -6.08 29.76 18.31
C GLN A 67 -6.01 31.00 19.25
N SER A 68 -5.96 32.21 18.65
CA SER A 68 -5.89 33.49 19.37
CA SER A 68 -5.92 33.48 19.39
C SER A 68 -7.23 34.27 19.32
N PHE A 69 -7.99 34.13 18.22
CA PHE A 69 -9.30 34.82 18.03
C PHE A 69 -10.30 34.04 17.11
N ASP A 70 -11.53 34.54 17.01
CA ASP A 70 -12.57 34.00 16.10
C ASP A 70 -13.39 35.18 15.57
N GLU A 71 -13.40 35.37 14.24
CA GLU A 71 -14.05 36.52 13.62
C GLU A 71 -14.65 36.32 12.23
N GLN A 72 -15.70 37.09 11.95
CA GLN A 72 -16.35 37.15 10.65
C GLN A 72 -15.72 38.35 9.98
N VAL A 73 -15.13 38.11 8.81
CA VAL A 73 -14.41 39.10 8.05
C VAL A 73 -15.13 39.37 6.74
N LYS A 74 -15.51 40.62 6.51
CA LYS A 74 -16.16 41.02 5.27
C LYS A 74 -15.11 41.04 4.18
N VAL A 75 -15.18 40.06 3.27
CA VAL A 75 -14.31 39.96 2.09
C VAL A 75 -15.19 39.66 0.89
N SER A 76 -14.75 40.08 -0.29
CA SER A 76 -15.48 39.76 -1.51
C SER A 76 -15.13 38.31 -1.87
N ALA A 77 -16.06 37.60 -2.52
CA ALA A 77 -15.84 36.22 -2.97
C ALA A 77 -16.58 36.01 -4.27
N SER A 78 -16.05 35.13 -5.12
CA SER A 78 -16.65 34.84 -6.43
C SER A 78 -16.17 33.50 -6.95
N SER A 79 -16.84 32.94 -7.95
CA SER A 79 -16.42 31.67 -8.58
C SER A 79 -15.92 31.90 -10.00
N ASP A 80 -16.00 33.16 -10.46
CA ASP A 80 -15.57 33.57 -11.78
C ASP A 80 -14.08 33.89 -11.64
N PRO A 81 -13.19 33.09 -12.28
CA PRO A 81 -11.74 33.36 -12.14
C PRO A 81 -11.30 34.68 -12.80
N SER A 82 -12.21 35.30 -13.55
CA SER A 82 -12.00 36.63 -14.11
C SER A 82 -12.04 37.75 -13.06
N ALA A 83 -12.41 37.40 -11.82
CA ALA A 83 -12.46 38.35 -10.69
C ALA A 83 -11.06 38.83 -10.25
N VAL A 84 -10.01 38.16 -10.75
CA VAL A 84 -8.63 38.61 -10.50
C VAL A 84 -8.32 39.96 -11.18
N GLN A 85 -9.22 40.43 -12.07
CA GLN A 85 -9.08 41.71 -12.77
C GLN A 85 -8.61 42.83 -11.85
N GLY A 86 -7.60 43.58 -12.28
CA GLY A 86 -7.12 44.72 -11.49
C GLY A 86 -6.42 44.45 -10.18
N ALA A 87 -6.01 43.20 -9.92
CA ALA A 87 -5.26 42.89 -8.70
C ALA A 87 -3.77 43.11 -8.98
N ASP A 88 -3.09 43.70 -7.99
CA ASP A 88 -1.64 43.96 -8.03
C ASP A 88 -0.89 42.72 -7.51
N LEU A 89 -1.57 41.96 -6.66
CA LEU A 89 -1.02 40.76 -6.04
C LEU A 89 -2.04 39.64 -6.13
N VAL A 90 -1.63 38.48 -6.65
CA VAL A 90 -2.50 37.28 -6.70
C VAL A 90 -1.85 36.15 -5.90
N LEU A 91 -2.52 35.66 -4.86
CA LEU A 91 -2.01 34.50 -4.11
C LEU A 91 -2.69 33.31 -4.74
N PHE A 92 -1.88 32.45 -5.35
CA PHE A 92 -2.34 31.30 -6.10
C PHE A 92 -2.16 30.14 -5.16
N CYS A 93 -3.28 29.60 -4.68
CA CYS A 93 -3.29 28.62 -3.61
C CYS A 93 -4.07 27.38 -3.91
N VAL A 94 -4.11 26.96 -5.18
CA VAL A 94 -4.84 25.75 -5.55
C VAL A 94 -3.88 24.59 -5.31
N LYS A 95 -4.43 23.39 -5.24
CA LYS A 95 -3.59 22.19 -5.17
C LYS A 95 -2.85 22.07 -6.52
N SER A 96 -1.70 21.40 -6.53
CA SER A 96 -0.87 21.24 -7.72
C SER A 96 -1.57 20.64 -8.91
N THR A 97 -2.52 19.75 -8.64
CA THR A 97 -3.34 19.07 -9.65
CA THR A 97 -3.26 19.09 -9.70
C THR A 97 -4.04 20.07 -10.55
N ASP A 98 -4.40 21.23 -9.97
CA ASP A 98 -5.14 22.30 -10.64
C ASP A 98 -4.34 23.54 -11.07
N THR A 99 -3.03 23.58 -10.91
CA THR A 99 -2.24 24.77 -11.30
C THR A 99 -2.48 25.24 -12.75
N GLN A 100 -2.42 24.31 -13.71
CA GLN A 100 -2.58 24.65 -15.12
C GLN A 100 -3.98 25.16 -15.48
N SER A 101 -5.00 24.41 -15.09
CA SER A 101 -6.41 24.78 -15.34
C SER A 101 -6.72 26.12 -14.68
N ALA A 102 -6.37 26.26 -13.40
CA ALA A 102 -6.62 27.52 -12.70
C ALA A 102 -5.82 28.68 -13.31
N ALA A 103 -4.56 28.45 -13.70
CA ALA A 103 -3.73 29.51 -14.30
C ALA A 103 -4.30 30.02 -15.64
N LEU A 104 -4.81 29.08 -16.43
CA LEU A 104 -5.39 29.41 -17.74
C LEU A 104 -6.76 30.05 -17.56
N ALA A 105 -7.47 29.67 -16.49
CA ALA A 105 -8.78 30.28 -16.15
C ALA A 105 -8.68 31.80 -15.90
N LYS A 107 -5.87 33.71 -16.72
CA LYS A 107 -4.89 34.33 -17.65
C LYS A 107 -5.32 35.59 -18.41
N PRO A 108 -6.51 35.58 -19.06
CA PRO A 108 -6.85 36.79 -19.79
C PRO A 108 -7.17 38.01 -18.90
N ALA A 109 -7.76 37.72 -17.73
CA ALA A 109 -8.17 38.74 -16.76
C ALA A 109 -7.05 39.39 -15.95
N LEU A 110 -5.95 38.67 -15.82
CA LEU A 110 -4.84 39.02 -14.94
C LEU A 110 -4.12 40.30 -15.39
N ALA A 111 -3.99 41.27 -14.50
CA ALA A 111 -3.23 42.50 -14.79
C ALA A 111 -1.83 42.10 -15.24
N LYS A 112 -1.22 42.90 -16.09
CA LYS A 112 0.10 42.57 -16.64
C LYS A 112 1.27 42.78 -15.65
N SER A 113 1.10 43.76 -14.76
CA SER A 113 2.06 44.11 -13.72
C SER A 113 1.80 43.37 -12.41
N ALA A 114 0.77 42.51 -12.41
CA ALA A 114 0.40 41.69 -11.24
C ALA A 114 1.53 40.76 -10.87
N LEU A 115 1.70 40.54 -9.57
CA LEU A 115 2.67 39.61 -9.03
C LEU A 115 1.88 38.38 -8.61
N VAL A 116 2.25 37.23 -9.14
CA VAL A 116 1.60 35.97 -8.80
C VAL A 116 2.46 35.19 -7.80
N LEU A 117 1.97 35.01 -6.56
CA LEU A 117 2.69 34.20 -5.56
C LEU A 117 2.10 32.81 -5.52
N SER A 118 2.96 31.81 -5.67
CA SER A 118 2.53 30.43 -5.55
C SER A 118 2.70 30.02 -4.10
N LEU A 119 1.57 29.88 -3.40
CA LEU A 119 1.53 29.40 -2.02
C LEU A 119 1.00 27.99 -2.18
N GLN A 120 1.90 27.11 -2.56
CA GLN A 120 1.56 25.72 -2.80
C GLN A 120 2.75 24.83 -2.40
N ASN A 121 2.45 23.54 -2.33
CA ASN A 121 3.42 22.50 -2.10
C ASN A 121 3.67 21.85 -3.43
N GLY A 122 4.89 21.34 -3.59
CA GLY A 122 5.36 20.72 -4.79
C GLY A 122 6.57 21.51 -5.25
N VAL A 123 7.25 21.02 -6.25
CA VAL A 123 8.45 21.69 -6.75
C VAL A 123 8.32 22.15 -8.20
N GLU A 124 7.14 21.98 -8.81
CA GLU A 124 6.91 22.35 -10.22
C GLU A 124 5.89 23.45 -10.48
N ASN A 125 5.26 23.96 -9.45
CA ASN A 125 4.22 24.99 -9.63
C ASN A 125 4.68 26.32 -10.23
N ALA A 126 5.71 26.95 -9.65
CA ALA A 126 6.23 28.20 -10.20
C ALA A 126 6.68 28.02 -11.63
N ASP A 127 7.38 26.93 -11.94
CA ASP A 127 7.82 26.69 -13.32
C ASP A 127 6.62 26.51 -14.26
N THR A 128 5.58 25.80 -13.78
CA THR A 128 4.37 25.59 -14.56
C THR A 128 3.72 26.95 -14.83
N LEU A 129 3.57 27.76 -13.78
CA LEU A 129 2.99 29.10 -13.93
C LEU A 129 3.79 29.99 -14.90
N ARG A 130 5.12 29.93 -14.84
CA ARG A 130 5.96 30.73 -15.75
C ARG A 130 5.87 30.24 -17.18
N SER A 131 5.56 28.97 -17.36
CA SER A 131 5.43 28.44 -18.70
C SER A 131 4.15 28.93 -19.38
N LEU A 132 3.13 29.23 -18.57
CA LEU A 132 1.81 29.65 -19.03
C LEU A 132 1.56 31.14 -18.97
N LEU A 133 2.22 31.85 -18.06
CA LEU A 133 1.97 33.28 -17.88
C LEU A 133 3.21 34.13 -18.07
N GLU A 134 2.96 35.35 -18.49
CA GLU A 134 3.96 36.35 -18.75
C GLU A 134 4.27 37.16 -17.50
N GLN A 135 3.31 37.22 -16.56
CA GLN A 135 3.47 37.96 -15.30
C GLN A 135 4.57 37.37 -14.42
N GLU A 136 5.16 38.22 -13.60
CA GLU A 136 6.18 37.80 -12.61
C GLU A 136 5.56 36.80 -11.61
N VAL A 137 6.20 35.66 -11.45
CA VAL A 137 5.77 34.60 -10.57
C VAL A 137 6.81 34.43 -9.45
N ALA A 138 6.40 34.25 -8.21
CA ALA A 138 7.36 33.99 -7.12
C ALA A 138 6.90 32.78 -6.34
N ALA A 139 7.81 31.85 -6.08
CA ALA A 139 7.50 30.67 -5.29
C ALA A 139 7.57 31.04 -3.83
N ALA A 140 6.70 30.43 -3.06
CA ALA A 140 6.61 30.65 -1.61
C ALA A 140 6.53 29.29 -0.97
N VAL A 141 7.03 29.22 0.25
CA VAL A 141 6.96 28.00 1.06
C VAL A 141 6.01 28.36 2.19
N VAL A 142 4.93 27.59 2.29
CA VAL A 142 3.87 27.84 3.24
C VAL A 142 4.06 26.98 4.48
N TYR A 143 4.22 27.64 5.63
CA TYR A 143 4.34 26.96 6.92
C TYR A 143 3.10 27.29 7.72
N VAL A 144 2.11 26.40 7.66
CA VAL A 144 0.85 26.60 8.36
C VAL A 144 0.11 25.28 8.54
N ALA A 145 -0.87 25.28 9.44
CA ALA A 145 -1.81 24.17 9.59
C ALA A 145 -3.17 24.88 9.52
N THR A 146 -3.94 24.56 8.47
CA THR A 146 -5.26 25.16 8.25
CA THR A 146 -5.24 25.16 8.24
C THR A 146 -6.19 24.17 7.57
N GLU A 147 -7.47 24.25 7.92
CA GLU A 147 -8.47 23.35 7.37
C GLU A 147 -9.70 24.17 7.09
N ALA A 149 -13.13 24.05 8.01
CA ALA A 149 -14.03 23.49 9.02
C ALA A 149 -15.47 23.31 8.55
N GLY A 150 -15.82 24.03 7.47
CA GLY A 150 -17.14 23.98 6.86
C GLY A 150 -17.18 25.00 5.73
N PRO A 151 -18.37 25.22 5.14
CA PRO A 151 -18.51 26.27 4.11
C PRO A 151 -18.29 27.73 4.64
N GLY A 152 -17.29 28.41 4.07
CA GLY A 152 -16.93 29.78 4.43
C GLY A 152 -16.21 29.90 5.76
N HIS A 153 -15.69 28.79 6.28
CA HIS A 153 -15.07 28.78 7.60
C HIS A 153 -13.67 28.20 7.61
N VAL A 154 -12.67 29.05 7.87
CA VAL A 154 -11.27 28.61 7.89
C VAL A 154 -10.78 28.48 9.33
N ARG A 155 -10.25 27.31 9.68
CA ARG A 155 -9.71 27.05 11.02
C ARG A 155 -8.19 26.90 10.94
N HIS A 156 -7.50 27.91 11.48
CA HIS A 156 -6.03 27.96 11.55
C HIS A 156 -5.62 27.26 12.85
N HIS A 157 -4.92 26.13 12.70
CA HIS A 157 -4.46 25.31 13.84
C HIS A 157 -3.07 25.74 14.34
N GLY A 158 -2.22 26.28 13.44
CA GLY A 158 -0.91 26.74 13.85
C GLY A 158 -0.01 27.35 12.78
N ARG A 159 0.93 28.18 13.25
CA ARG A 159 1.97 28.88 12.47
C ARG A 159 1.38 29.87 11.44
N GLY A 160 1.79 29.79 10.17
CA GLY A 160 1.29 30.71 9.15
C GLY A 160 2.29 31.76 8.71
N GLU A 161 3.53 31.34 8.41
CA GLU A 161 4.55 32.26 7.88
C GLU A 161 4.97 31.80 6.51
N LEU A 162 5.58 32.71 5.76
CA LEU A 162 6.02 32.43 4.40
C LEU A 162 7.49 32.74 4.18
N VAL A 163 8.11 31.96 3.30
CA VAL A 163 9.47 32.19 2.82
C VAL A 163 9.28 32.30 1.32
N ILE A 164 9.65 33.44 0.75
CA ILE A 164 9.40 33.74 -0.66
C ILE A 164 10.72 33.98 -1.44
N GLU A 165 10.70 33.72 -2.74
CA GLU A 165 11.83 34.07 -3.56
C GLU A 165 11.90 35.58 -3.63
N PRO A 166 13.06 36.14 -3.99
CA PRO A 166 13.13 37.58 -4.20
C PRO A 166 12.16 38.04 -5.29
N THR A 167 11.60 39.22 -5.11
CA THR A 167 10.65 39.79 -6.06
C THR A 167 11.07 41.22 -6.36
N SER A 168 10.49 41.79 -7.41
CA SER A 168 10.73 43.18 -7.79
C SER A 168 10.13 44.11 -6.74
N HIS A 169 9.11 43.62 -6.03
CA HIS A 169 8.49 44.37 -4.94
C HIS A 169 9.41 44.48 -3.71
N GLY A 170 10.46 43.65 -3.66
CA GLY A 170 11.48 43.68 -2.59
C GLY A 170 10.98 43.53 -1.16
N ALA A 171 11.58 44.29 -0.25
CA ALA A 171 11.21 44.28 1.18
C ALA A 171 9.80 44.83 1.46
N ASN A 172 9.23 45.58 0.52
CA ASN A 172 7.88 46.14 0.68
C ASN A 172 6.84 45.03 0.83
N LEU A 173 7.02 43.94 0.08
CA LEU A 173 6.11 42.79 0.13
C LEU A 173 6.09 42.15 1.52
N ALA A 174 7.27 41.91 2.10
CA ALA A 174 7.37 41.28 3.42
C ALA A 174 6.88 42.20 4.55
N ALA A 175 7.10 43.50 4.40
CA ALA A 175 6.65 44.50 5.37
C ALA A 175 5.12 44.61 5.41
N ILE A 176 4.46 44.35 4.29
CA ILE A 176 2.99 44.40 4.21
C ILE A 176 2.38 43.17 4.89
N PHE A 177 2.95 41.99 4.63
CA PHE A 177 2.50 40.75 5.26
C PHE A 177 2.74 40.74 6.78
N ALA A 178 3.89 41.24 7.23
CA ALA A 178 4.23 41.28 8.65
C ALA A 178 3.19 42.14 9.39
N ALA A 179 2.82 43.28 8.78
CA ALA A 179 1.80 44.21 9.31
C ALA A 179 0.45 43.54 9.54
N ALA A 180 0.11 42.54 8.72
CA ALA A 180 -1.14 41.79 8.84
C ALA A 180 -1.04 40.55 9.75
N GLY A 181 0.10 40.39 10.44
CA GLY A 181 0.30 39.26 11.34
C GLY A 181 0.78 38.02 10.66
N VAL A 182 1.42 38.16 9.49
CA VAL A 182 1.98 37.04 8.71
C VAL A 182 3.50 37.25 8.55
N PRO A 183 4.32 36.54 9.35
CA PRO A 183 5.79 36.66 9.25
C PRO A 183 6.33 36.18 7.90
N VAL A 184 7.23 36.96 7.29
CA VAL A 184 7.82 36.62 5.99
C VAL A 184 9.33 36.89 5.98
N GLU A 185 10.04 35.97 5.33
CA GLU A 185 11.48 36.05 5.11
C GLU A 185 11.68 35.87 3.59
N THR A 186 12.78 36.38 3.03
CA THR A 186 13.10 36.17 1.63
C THR A 186 14.30 35.24 1.62
N SER A 187 14.32 34.29 0.70
CA SER A 187 15.42 33.34 0.65
C SER A 187 15.86 33.10 -0.77
N ASP A 188 17.16 32.85 -0.93
CA ASP A 188 17.75 32.55 -2.23
CA ASP A 188 17.72 32.57 -2.26
C ASP A 188 17.68 31.05 -2.51
N ASN A 189 17.15 30.30 -1.54
CA ASN A 189 17.01 28.86 -1.64
C ASN A 189 15.63 28.29 -1.26
N VAL A 190 14.62 28.86 -1.89
CA VAL A 190 13.26 28.40 -1.80
C VAL A 190 13.21 27.02 -2.37
N ARG A 191 14.04 26.76 -3.39
CA ARG A 191 14.14 25.46 -4.00
C ARG A 191 14.38 24.36 -2.97
N GLY A 192 15.45 24.48 -2.20
CA GLY A 192 15.74 23.53 -1.13
C GLY A 192 14.64 23.35 -0.08
N ALA A 193 13.97 24.45 0.26
CA ALA A 193 12.87 24.47 1.24
C ALA A 193 11.66 23.70 0.68
N LEU A 194 11.34 23.94 -0.57
CA LEU A 194 10.26 23.23 -1.21
C LEU A 194 10.55 21.73 -1.33
N TRP A 195 11.80 21.36 -1.60
CA TRP A 195 12.19 19.96 -1.70
C TRP A 195 12.18 19.29 -0.35
N ALA A 196 12.54 20.02 0.72
CA ALA A 196 12.54 19.45 2.04
C ALA A 196 11.12 19.03 2.43
N LYS A 197 10.15 19.88 2.08
CA LYS A 197 8.75 19.67 2.39
C LYS A 197 8.30 18.51 1.54
N LEU A 198 8.64 18.50 0.27
CA LEU A 198 8.29 17.35 -0.58
C LEU A 198 8.74 15.98 -0.05
N ILE A 199 9.98 15.88 0.42
CA ILE A 199 10.57 14.63 0.90
C ILE A 199 9.83 14.21 2.18
N LEU A 200 9.54 15.16 3.08
CA LEU A 200 8.75 14.91 4.25
C LEU A 200 7.41 14.26 3.84
N ASN A 201 6.70 14.87 2.90
CA ASN A 201 5.41 14.33 2.38
C ASN A 201 5.57 12.95 1.69
N CYS A 202 6.67 12.72 1.01
CA CYS A 202 6.96 11.42 0.36
C CYS A 202 7.14 10.33 1.41
N ALA A 203 7.66 10.70 2.57
CA ALA A 203 7.91 9.77 3.67
C ALA A 203 6.63 9.35 4.42
N TYR A 204 5.75 10.30 4.69
CA TYR A 204 4.51 10.04 5.42
C TYR A 204 3.14 9.97 4.75
N ASN A 205 2.93 10.71 3.66
CA ASN A 205 1.54 10.89 3.17
C ASN A 205 0.80 9.69 2.64
N ALA A 206 1.45 9.01 1.70
CA ALA A 206 0.95 7.78 1.11
C ALA A 206 0.79 6.69 2.18
N LEU A 207 1.76 6.49 3.07
CA LEU A 207 1.64 5.44 4.10
C LEU A 207 0.41 5.68 4.97
N SER A 208 0.26 6.92 5.41
CA SER A 208 -0.90 7.33 6.20
C SER A 208 -2.23 7.16 5.46
N ALA A 209 -2.23 7.48 4.17
CA ALA A 209 -3.48 7.39 3.37
C ALA A 209 -3.86 5.95 3.05
N ILE A 210 -2.88 5.11 2.62
CA ILE A 210 -3.17 3.71 2.27
C ILE A 210 -3.73 2.96 3.48
N THR A 211 -3.19 3.22 4.64
CA THR A 211 -3.60 2.52 5.88
C THR A 211 -4.61 3.26 6.77
N GLN A 212 -4.82 4.55 6.50
CA GLN A 212 -5.70 5.42 7.28
C GLN A 212 -5.25 5.50 8.73
N LEU A 213 -3.94 5.66 8.94
CA LEU A 213 -3.37 5.70 10.28
C LEU A 213 -2.57 6.98 10.47
N PRO A 214 -2.57 7.53 11.70
CA PRO A 214 -1.75 8.70 12.00
C PRO A 214 -0.25 8.40 12.08
N TYR A 215 0.57 9.44 12.02
CA TYR A 215 2.03 9.29 11.95
C TYR A 215 2.68 8.49 13.08
N GLY A 216 2.18 8.67 14.29
CA GLY A 216 2.67 7.97 15.47
C GLY A 216 2.34 6.50 15.52
N ARG A 217 1.28 6.08 14.84
CA ARG A 217 0.91 4.65 14.74
C ARG A 217 1.68 3.94 13.63
N LEU A 218 1.79 4.65 12.55
CA LEU A 218 2.50 4.22 11.34
CA LEU A 218 2.51 4.22 11.34
C LEU A 218 3.95 3.82 11.62
N VAL A 219 4.71 4.72 12.24
CA VAL A 219 6.13 4.48 12.51
C VAL A 219 6.45 3.30 13.45
N ARG A 220 5.46 2.76 14.15
CA ARG A 220 5.64 1.60 15.02
C ARG A 220 5.44 0.28 14.27
N GLY A 221 4.93 0.35 13.04
CA GLY A 221 4.66 -0.86 12.32
C GLY A 221 5.93 -1.59 12.00
N GLU A 222 5.82 -2.91 11.89
CA GLU A 222 6.95 -3.70 11.54
C GLU A 222 7.39 -3.29 10.16
N GLY A 223 8.66 -2.94 10.10
CA GLY A 223 9.37 -2.60 8.90
C GLY A 223 9.22 -1.19 8.41
N VAL A 224 8.38 -0.41 9.11
CA VAL A 224 8.06 0.92 8.62
C VAL A 224 9.25 1.89 8.63
N GLU A 225 10.09 1.85 9.65
CA GLU A 225 11.27 2.73 9.72
C GLU A 225 12.21 2.47 8.54
N ALA A 226 12.33 1.21 8.15
CA ALA A 226 13.16 0.79 7.03
C ALA A 226 12.52 1.18 5.69
N VAL A 227 11.19 1.19 5.60
CA VAL A 227 10.52 1.68 4.37
C VAL A 227 10.80 3.19 4.22
N ARG A 229 13.24 4.85 5.38
CA ARG A 229 14.64 5.00 5.01
C ARG A 229 14.77 4.84 3.51
N ASP A 230 14.20 3.76 2.97
CA ASP A 230 14.26 3.51 1.54
C ASP A 230 13.64 4.61 0.71
N VAL A 231 12.43 5.04 1.06
CA VAL A 231 11.78 6.16 0.37
C VAL A 231 12.66 7.43 0.40
N GLU A 233 15.94 7.76 0.99
CA GLU A 233 17.20 7.65 0.27
C GLU A 233 17.00 7.84 -1.24
N GLU A 234 15.91 7.31 -1.80
CA GLU A 234 15.57 7.53 -3.19
C GLU A 234 15.37 9.05 -3.44
N CYS A 235 14.66 9.72 -2.54
CA CYS A 235 14.41 11.14 -2.63
C CYS A 235 15.68 11.95 -2.54
N PHE A 236 16.58 11.59 -1.63
CA PHE A 236 17.84 12.28 -1.49
C PHE A 236 18.74 12.05 -2.74
N ALA A 237 18.71 10.87 -3.34
CA ALA A 237 19.45 10.59 -4.57
C ALA A 237 18.93 11.47 -5.71
N VAL A 238 17.63 11.57 -5.86
CA VAL A 238 17.04 12.42 -6.90
C VAL A 238 17.38 13.89 -6.62
N ALA A 239 17.26 14.33 -5.36
CA ALA A 239 17.56 15.70 -4.97
C ALA A 239 19.00 16.06 -5.24
N ARG A 240 19.95 15.14 -5.01
CA ARG A 240 21.34 15.41 -5.33
C ARG A 240 21.56 15.55 -6.84
N ALA A 241 21.00 14.65 -7.65
CA ALA A 241 21.19 14.71 -9.08
C ALA A 241 20.57 16.00 -9.68
N GLU A 242 19.58 16.56 -9.01
CA GLU A 242 18.96 17.79 -9.39
C GLU A 242 19.64 19.02 -8.81
N GLY A 243 20.75 18.81 -8.12
CA GLY A 243 21.52 19.92 -7.61
C GLY A 243 20.83 20.72 -6.54
N VAL A 244 19.96 20.09 -5.77
CA VAL A 244 19.26 20.76 -4.66
C VAL A 244 20.07 20.74 -3.38
N LYS A 245 20.12 21.88 -2.71
CA LYS A 245 20.80 22.08 -1.43
CA LYS A 245 20.79 22.00 -1.43
C LYS A 245 19.73 21.98 -0.34
N LEU A 246 19.70 20.87 0.38
CA LEU A 246 18.73 20.65 1.44
C LEU A 246 19.26 21.08 2.79
N PRO A 247 18.36 21.36 3.76
CA PRO A 247 18.86 21.66 5.09
C PRO A 247 19.70 20.47 5.63
N ASP A 248 20.61 20.80 6.54
CA ASP A 248 21.61 19.86 7.05
C ASP A 248 21.11 18.61 7.81
N ASP A 249 20.10 18.80 8.65
CA ASP A 249 19.53 17.72 9.43
C ASP A 249 18.17 17.36 8.91
N VAL A 250 17.97 17.40 7.59
CA VAL A 250 16.66 17.14 7.01
C VAL A 250 16.10 15.74 7.37
N ALA A 251 16.94 14.71 7.42
CA ALA A 251 16.48 13.31 7.69
C ALA A 251 15.92 13.18 9.10
N LEU A 252 16.66 13.71 10.07
CA LEU A 252 16.27 13.73 11.45
C LEU A 252 15.01 14.57 11.63
N ALA A 253 14.91 15.73 10.96
CA ALA A 253 13.71 16.57 11.11
C ALA A 253 12.46 15.83 10.59
N ILE A 254 12.62 15.09 9.51
CA ILE A 254 11.53 14.29 8.97
C ILE A 254 11.12 13.14 9.95
N ARG A 255 12.08 12.44 10.53
CA ARG A 255 11.75 11.35 11.45
C ARG A 255 11.07 11.87 12.69
N ARG A 256 11.43 13.07 13.12
CA ARG A 256 10.85 13.67 14.33
C ARG A 256 9.39 14.06 14.15
N ILE A 257 8.92 14.26 12.93
CA ILE A 257 7.52 14.61 12.72
C ILE A 257 6.56 13.59 13.39
N ALA A 258 6.92 12.31 13.39
CA ALA A 258 6.12 11.26 14.00
C ALA A 258 5.96 11.47 15.47
N GLU A 259 6.92 12.13 16.12
CA GLU A 259 6.81 12.40 17.54
C GLU A 259 6.21 13.74 17.87
N THR A 260 6.26 14.71 16.98
CA THR A 260 5.63 15.99 17.28
C THR A 260 4.17 16.04 16.81
N PRO A 262 1.94 13.10 16.59
CA PRO A 262 1.65 11.67 16.63
C PRO A 262 0.24 11.26 16.25
N ARG A 263 -0.73 12.15 16.40
CA ARG A 263 -2.10 11.80 16.10
C ARG A 263 -2.58 12.42 14.78
N GLN A 264 -1.66 12.98 14.02
CA GLN A 264 -1.96 13.57 12.72
C GLN A 264 -1.94 12.57 11.56
N SER A 265 -2.96 12.65 10.71
CA SER A 265 -3.06 11.86 9.48
C SER A 265 -2.78 12.87 8.39
N SER A 266 -2.37 12.39 7.22
CA SER A 266 -1.99 13.27 6.15
C SER A 266 -3.14 13.85 5.34
N SER A 267 -2.84 14.94 4.64
CA SER A 267 -3.80 15.56 3.76
C SER A 267 -4.24 14.50 2.72
N THR A 268 -3.31 13.67 2.24
CA THR A 268 -3.60 12.57 1.29
C THR A 268 -4.59 11.56 1.90
N ALA A 269 -4.42 11.25 3.20
CA ALA A 269 -5.35 10.37 3.91
C ALA A 269 -6.73 10.94 3.95
N GLN A 270 -6.85 12.25 4.16
CA GLN A 270 -8.13 12.92 4.29
C GLN A 270 -8.82 12.98 2.92
N ASP A 271 -8.05 13.18 1.87
CA ASP A 271 -8.58 13.17 0.50
C ASP A 271 -9.17 11.79 0.17
N LEU A 272 -8.45 10.71 0.46
CA LEU A 272 -8.95 9.36 0.19
C LEU A 272 -10.15 9.01 1.07
N ALA A 273 -10.16 9.48 2.32
CA ALA A 273 -11.28 9.25 3.22
C ALA A 273 -12.56 9.91 2.68
N ARG A 274 -12.42 11.03 2.01
CA ARG A 274 -13.56 11.79 1.44
C ARG A 274 -13.85 11.51 -0.02
N GLY A 275 -13.12 10.61 -0.65
CA GLY A 275 -13.33 10.31 -2.07
C GLY A 275 -12.89 11.42 -3.03
N LYS A 276 -11.92 12.22 -2.60
CA LYS A 276 -11.36 13.31 -3.40
CA LYS A 276 -11.37 13.30 -3.42
C LYS A 276 -9.99 12.88 -3.99
N ARG A 277 -9.61 13.48 -5.09
CA ARG A 277 -8.34 13.20 -5.77
C ARG A 277 -7.21 13.87 -4.98
N SER A 278 -6.18 13.12 -4.65
CA SER A 278 -5.05 13.65 -3.94
C SER A 278 -4.05 14.30 -4.86
N GLU A 279 -2.98 14.84 -4.25
CA GLU A 279 -1.86 15.44 -4.96
C GLU A 279 -0.70 14.46 -5.16
N ILE A 280 -0.97 13.15 -5.12
CA ILE A 280 0.06 12.12 -5.16
C ILE A 280 0.95 12.14 -6.40
N ASP A 281 0.44 12.61 -7.53
CA ASP A 281 1.27 12.73 -8.75
C ASP A 281 2.36 13.78 -8.57
N HIS A 282 2.21 14.67 -7.61
CA HIS A 282 3.18 15.74 -7.31
C HIS A 282 3.97 15.50 -6.03
N LEU A 283 3.79 14.34 -5.41
CA LEU A 283 4.55 13.95 -4.21
C LEU A 283 5.44 12.77 -4.65
N ASN A 284 5.07 11.53 -4.29
CA ASN A 284 5.88 10.40 -4.66
C ASN A 284 5.97 10.26 -6.17
N GLY A 285 4.92 10.65 -6.89
CA GLY A 285 4.90 10.66 -8.37
C GLY A 285 5.94 11.52 -9.06
N LEU A 286 6.29 12.64 -8.44
CA LEU A 286 7.35 13.50 -8.92
C LEU A 286 8.68 12.78 -8.80
N ILE A 287 8.88 12.11 -7.67
CA ILE A 287 10.14 11.37 -7.43
C ILE A 287 10.28 10.24 -8.46
N VAL A 288 9.18 9.55 -8.75
CA VAL A 288 9.18 8.44 -9.73
C VAL A 288 9.54 8.93 -11.12
N ARG A 289 8.84 9.95 -11.52
CA ARG A 289 9.01 10.51 -12.86
CA ARG A 289 8.98 10.58 -12.84
C ARG A 289 10.44 11.09 -13.02
N ARG A 290 10.93 11.74 -12.00
CA ARG A 290 12.26 12.32 -12.03
C ARG A 290 13.34 11.26 -11.92
N GLY A 291 13.18 10.31 -11.01
CA GLY A 291 14.12 9.23 -10.86
C GLY A 291 14.21 8.44 -12.12
N ASP A 292 13.07 8.08 -12.72
CA ASP A 292 13.11 7.40 -14.01
C ASP A 292 13.90 8.15 -15.09
N ALA A 293 13.64 9.44 -15.24
CA ALA A 293 14.29 10.33 -16.18
C ALA A 293 15.80 10.48 -15.91
N LEU A 294 16.22 10.22 -14.68
CA LEU A 294 17.60 10.40 -14.31
C LEU A 294 18.31 9.08 -14.14
N GLY A 295 17.66 7.94 -14.43
CA GLY A 295 18.29 6.65 -14.24
C GLY A 295 18.51 6.23 -12.81
N ILE A 296 17.72 6.76 -11.89
CA ILE A 296 17.86 6.47 -10.45
C ILE A 296 16.71 5.60 -9.99
N PRO A 297 16.99 4.42 -9.40
CA PRO A 297 15.86 3.59 -8.99
C PRO A 297 14.98 4.26 -7.94
N VAL A 298 13.66 4.13 -8.10
CA VAL A 298 12.69 4.71 -7.19
C VAL A 298 11.59 3.70 -6.80
N PRO A 299 11.96 2.45 -6.47
CA PRO A 299 10.96 1.41 -6.21
C PRO A 299 10.00 1.60 -5.04
N ALA A 300 10.47 2.08 -3.89
CA ALA A 300 9.61 2.30 -2.76
C ALA A 300 8.57 3.40 -3.11
N ASN A 301 9.04 4.52 -3.61
CA ASN A 301 8.20 5.61 -4.06
C ASN A 301 7.22 5.17 -5.12
N ARG A 302 7.68 4.33 -6.03
CA ARG A 302 6.81 3.84 -7.09
C ARG A 302 5.64 3.01 -6.58
N VAL A 303 5.89 2.14 -5.61
CA VAL A 303 4.83 1.34 -5.00
C VAL A 303 3.82 2.26 -4.28
N LEU A 304 4.33 3.19 -3.50
CA LEU A 304 3.45 4.10 -2.78
C LEU A 304 2.55 4.92 -3.74
N HIS A 305 3.13 5.41 -4.82
CA HIS A 305 2.39 6.17 -5.80
C HIS A 305 1.33 5.31 -6.53
N ALA A 306 1.67 4.10 -6.90
CA ALA A 306 0.76 3.23 -7.65
C ALA A 306 -0.45 2.83 -6.84
N LEU A 307 -0.22 2.56 -5.56
CA LEU A 307 -1.24 2.12 -4.64
C LEU A 307 -2.24 3.23 -4.33
N VAL A 308 -1.74 4.44 -3.99
CA VAL A 308 -2.65 5.57 -3.80
C VAL A 308 -3.48 5.77 -5.07
N ARG A 309 -2.86 5.72 -6.24
CA ARG A 309 -3.60 5.86 -7.49
CA ARG A 309 -3.60 5.86 -7.49
C ARG A 309 -4.65 4.76 -7.72
N LEU A 310 -4.33 3.53 -7.35
CA LEU A 310 -5.30 2.42 -7.52
C LEU A 310 -6.52 2.62 -6.66
N ILE A 311 -6.29 3.02 -5.41
CA ILE A 311 -7.37 3.28 -4.43
C ILE A 311 -8.25 4.43 -4.94
N GLU A 312 -7.63 5.52 -5.41
CA GLU A 312 -8.36 6.66 -6.00
C GLU A 312 -9.23 6.24 -7.14
N ASP A 313 -8.66 5.46 -8.08
CA ASP A 313 -9.37 4.95 -9.27
C ASP A 313 -10.56 4.06 -8.96
N LYS A 314 -10.47 3.28 -7.88
CA LYS A 314 -11.55 2.41 -7.46
C LYS A 314 -12.70 3.30 -6.97
N GLN A 315 -12.39 4.23 -6.06
CA GLN A 315 -13.38 5.17 -5.47
C GLN A 315 -14.09 6.03 -6.49
N GLN A 316 -13.48 6.22 -7.66
CA GLN A 316 -14.10 6.98 -8.71
C GLN A 316 -14.97 6.08 -9.59
N HIS A 317 -14.37 5.06 -10.20
CA HIS A 317 -15.11 4.16 -11.13
C HIS A 317 -15.04 2.63 -10.90
N GLY A 318 -15.74 2.15 -9.87
N GLY A 318 -15.87 2.14 -9.98
CA GLY A 318 -15.76 0.72 -9.51
CA GLY A 318 -15.97 0.71 -9.67
C GLY A 318 -15.31 0.39 -8.09
C GLY A 318 -17.32 0.14 -10.09
N LYS B 21 -3.08 -45.98 6.60
CA LYS B 21 -3.81 -45.01 7.41
C LYS B 21 -3.23 -43.64 7.13
N VAL B 22 -4.10 -42.66 6.90
CA VAL B 22 -3.71 -41.30 6.56
C VAL B 22 -4.33 -40.30 7.51
N ALA B 23 -3.54 -39.35 8.00
CA ALA B 23 -4.05 -38.28 8.87
C ALA B 23 -3.81 -36.95 8.17
N ILE B 24 -4.77 -36.05 8.24
CA ILE B 24 -4.62 -34.70 7.68
C ILE B 24 -4.52 -33.72 8.82
N GLY B 26 -4.57 -30.23 10.03
CA GLY B 26 -5.03 -28.92 9.60
C GLY B 26 -6.03 -29.07 8.46
N ALA B 27 -7.16 -29.72 8.77
CA ALA B 27 -8.21 -29.98 7.78
C ALA B 27 -9.02 -28.72 7.47
N GLY B 28 -8.48 -27.94 6.53
CA GLY B 28 -9.09 -26.72 6.00
C GLY B 28 -9.39 -26.91 4.52
N ALA B 29 -9.26 -25.86 3.71
CA ALA B 29 -9.56 -25.95 2.29
C ALA B 29 -8.76 -27.05 1.56
N VAL B 30 -7.46 -27.05 1.79
CA VAL B 30 -6.52 -28.00 1.18
C VAL B 30 -6.66 -29.41 1.79
N GLY B 31 -6.60 -29.48 3.11
CA GLY B 31 -6.73 -30.77 3.82
C GLY B 31 -8.00 -31.56 3.50
N CYS B 32 -9.15 -30.89 3.54
CA CYS B 32 -10.40 -31.54 3.22
C CYS B 32 -10.48 -32.05 1.78
N TYR B 33 -9.91 -31.33 0.81
CA TYR B 33 -10.01 -31.79 -0.58
C TYR B 33 -9.23 -33.09 -0.73
N TYR B 34 -7.94 -33.02 -0.46
CA TYR B 34 -7.03 -34.16 -0.62
C TYR B 34 -7.36 -35.29 0.35
N GLY B 35 -7.70 -34.91 1.56
CA GLY B 35 -8.12 -35.87 2.58
C GLY B 35 -9.42 -36.53 2.18
N GLY B 36 -10.40 -35.73 1.78
CA GLY B 36 -11.69 -36.25 1.30
C GLY B 36 -11.60 -37.13 0.05
N LEU B 38 -9.00 -39.01 -0.74
CA LEU B 38 -8.46 -40.30 -0.30
C LEU B 38 -9.51 -41.14 0.41
N ALA B 39 -10.40 -40.49 1.16
CA ALA B 39 -11.50 -41.19 1.84
C ALA B 39 -12.48 -41.80 0.81
N ARG B 40 -12.79 -41.05 -0.24
CA ARG B 40 -13.61 -41.54 -1.36
C ARG B 40 -12.98 -42.74 -2.06
N ALA B 41 -11.65 -42.79 -2.09
CA ALA B 41 -10.94 -43.92 -2.71
C ALA B 41 -10.90 -45.16 -1.81
N GLY B 42 -11.36 -45.05 -0.56
CA GLY B 42 -11.41 -46.19 0.36
C GLY B 42 -10.39 -46.27 1.47
N HIS B 43 -9.44 -45.33 1.54
CA HIS B 43 -8.43 -45.37 2.59
C HIS B 43 -9.10 -45.02 3.95
N GLU B 44 -8.21 -45.32 5.02
CA GLU B 44 -8.59 -44.95 6.38
C GLU B 44 -7.99 -43.54 6.58
N VAL B 45 -8.86 -42.54 6.70
CA VAL B 45 -8.47 -41.15 6.84
C VAL B 45 -9.17 -40.48 8.03
N ILE B 46 -8.40 -39.67 8.77
CA ILE B 46 -8.90 -38.87 9.88
C ILE B 46 -8.43 -37.42 9.70
N LEU B 47 -9.38 -36.49 9.73
CA LEU B 47 -9.09 -35.10 9.53
C LEU B 47 -8.95 -34.39 10.89
N ILE B 48 -7.78 -33.81 11.17
CA ILE B 48 -7.61 -33.03 12.39
C ILE B 48 -7.99 -31.58 12.05
N ALA B 49 -9.21 -31.20 12.40
CA ALA B 49 -9.77 -29.90 12.06
C ALA B 49 -10.19 -29.08 13.29
N ARG B 50 -10.70 -27.87 13.04
CA ARG B 50 -11.20 -26.98 14.09
C ARG B 50 -12.60 -27.43 14.57
N PRO B 51 -12.97 -27.12 15.82
CA PRO B 51 -14.27 -27.57 16.38
C PRO B 51 -15.50 -27.34 15.47
N GLN B 52 -15.55 -26.18 14.82
CA GLN B 52 -16.58 -25.83 13.86
C GLN B 52 -16.84 -26.94 12.83
N HIS B 53 -15.74 -27.46 12.26
CA HIS B 53 -15.80 -28.47 11.21
C HIS B 53 -15.90 -29.87 11.75
N VAL B 54 -15.24 -30.13 12.88
CA VAL B 54 -15.32 -31.44 13.52
C VAL B 54 -16.77 -31.71 13.88
N GLN B 55 -17.44 -30.71 14.45
CA GLN B 55 -18.86 -30.77 14.82
C GLN B 55 -19.80 -31.07 13.63
N ALA B 56 -19.46 -30.55 12.45
CA ALA B 56 -20.25 -30.78 11.23
C ALA B 56 -19.89 -32.10 10.57
N ILE B 57 -18.61 -32.48 10.61
CA ILE B 57 -18.20 -33.77 10.04
C ILE B 57 -18.80 -34.95 10.83
N GLU B 58 -18.84 -34.85 12.17
CA GLU B 58 -19.43 -35.88 13.06
CA GLU B 58 -19.42 -35.94 12.97
C GLU B 58 -20.95 -35.89 12.93
N ALA B 59 -21.54 -34.74 12.60
CA ALA B 59 -22.98 -34.62 12.45
C ALA B 59 -23.45 -35.27 11.13
N THR B 60 -22.99 -34.78 9.99
CA THR B 60 -23.43 -35.32 8.68
C THR B 60 -22.30 -35.69 7.67
N GLY B 61 -21.07 -35.82 8.16
CA GLY B 61 -19.93 -36.18 7.30
C GLY B 61 -19.37 -34.98 6.57
N LEU B 62 -18.30 -35.19 5.81
CA LEU B 62 -17.64 -34.13 5.04
C LEU B 62 -18.35 -33.93 3.72
N ARG B 63 -18.83 -32.71 3.51
CA ARG B 63 -19.43 -32.37 2.23
C ARG B 63 -18.30 -31.97 1.27
N LEU B 64 -18.06 -32.83 0.28
CA LEU B 64 -17.02 -32.63 -0.73
C LEU B 64 -17.65 -32.22 -2.07
N GLU B 65 -17.71 -30.91 -2.31
CA GLU B 65 -18.31 -30.32 -3.52
C GLU B 65 -17.21 -30.02 -4.56
N THR B 66 -17.17 -30.83 -5.63
CA THR B 66 -16.19 -30.74 -6.71
C THR B 66 -16.80 -30.14 -7.97
N GLN B 67 -15.95 -29.74 -8.93
CA GLN B 67 -16.40 -29.26 -10.24
C GLN B 67 -17.06 -30.40 -11.06
N SER B 68 -16.96 -31.65 -10.58
CA SER B 68 -17.55 -32.82 -11.25
C SER B 68 -18.76 -33.38 -10.50
N PHE B 69 -18.56 -33.70 -9.22
CA PHE B 69 -19.57 -34.35 -8.36
C PHE B 69 -19.86 -33.53 -7.07
N ASP B 70 -20.78 -34.06 -6.25
CA ASP B 70 -21.15 -33.43 -4.97
C ASP B 70 -21.68 -34.54 -4.06
N GLU B 71 -20.97 -34.78 -2.97
CA GLU B 71 -21.28 -35.87 -2.04
C GLU B 71 -21.01 -35.50 -0.58
N GLN B 72 -21.48 -36.38 0.32
CA GLN B 72 -21.18 -36.35 1.75
C GLN B 72 -20.26 -37.56 1.94
N VAL B 73 -19.11 -37.36 2.58
CA VAL B 73 -18.12 -38.44 2.76
C VAL B 73 -17.94 -38.77 4.24
N LYS B 74 -18.05 -40.05 4.59
CA LYS B 74 -17.89 -40.50 5.97
C LYS B 74 -16.40 -40.60 6.21
N VAL B 75 -15.89 -39.71 7.06
CA VAL B 75 -14.49 -39.67 7.46
C VAL B 75 -14.48 -39.42 8.94
N SER B 76 -13.41 -39.82 9.60
CA SER B 76 -13.24 -39.47 11.00
C SER B 76 -12.74 -38.02 11.01
N ALA B 77 -13.00 -37.32 12.11
CA ALA B 77 -12.53 -35.97 12.30
C ALA B 77 -12.33 -35.77 13.79
N SER B 78 -11.34 -34.96 14.15
CA SER B 78 -11.04 -34.71 15.55
C SER B 78 -10.26 -33.40 15.68
N SER B 79 -10.34 -32.75 16.84
CA SER B 79 -9.58 -31.53 17.10
C SER B 79 -8.37 -31.78 17.97
N ASP B 80 -8.18 -33.02 18.41
CA ASP B 80 -7.03 -33.40 19.19
C ASP B 80 -5.89 -33.75 18.21
N PRO B 81 -4.75 -33.03 18.28
CA PRO B 81 -3.66 -33.38 17.34
C PRO B 81 -3.06 -34.81 17.52
N SER B 82 -3.39 -35.47 18.63
CA SER B 82 -2.94 -36.84 18.85
C SER B 82 -3.63 -37.86 17.98
N ALA B 83 -4.69 -37.48 17.27
CA ALA B 83 -5.40 -38.38 16.35
C ALA B 83 -4.54 -38.76 15.14
N VAL B 84 -3.34 -38.18 15.05
CA VAL B 84 -2.37 -38.58 14.03
C VAL B 84 -1.81 -39.96 14.38
N GLN B 85 -2.07 -40.43 15.59
CA GLN B 85 -1.64 -41.75 16.05
C GLN B 85 -1.90 -42.85 15.03
N GLY B 86 -0.86 -43.60 14.69
CA GLY B 86 -0.96 -44.76 13.81
C GLY B 86 -0.98 -44.51 12.32
N ALA B 87 -1.04 -43.24 11.91
CA ALA B 87 -1.07 -42.89 10.50
C ALA B 87 0.30 -43.08 9.86
N ASP B 88 0.31 -43.75 8.71
CA ASP B 88 1.52 -44.02 7.93
C ASP B 88 1.94 -42.82 7.09
N LEU B 89 0.97 -41.95 6.82
CA LEU B 89 1.14 -40.79 5.97
C LEU B 89 0.34 -39.65 6.55
N VAL B 90 1.02 -38.56 6.88
CA VAL B 90 0.37 -37.35 7.40
C VAL B 90 0.49 -36.25 6.35
N LEU B 91 -0.64 -35.75 5.86
CA LEU B 91 -0.67 -34.60 4.97
C LEU B 91 -0.80 -33.39 5.90
N PHE B 92 0.21 -32.54 5.90
CA PHE B 92 0.32 -31.41 6.78
C PHE B 92 -0.05 -30.20 5.94
N CYS B 93 -1.26 -29.70 6.15
CA CYS B 93 -1.86 -28.67 5.32
C CYS B 93 -2.26 -27.40 6.05
N VAL B 94 -1.57 -27.04 7.14
CA VAL B 94 -1.87 -25.78 7.82
C VAL B 94 -1.24 -24.67 7.01
N LYS B 95 -1.54 -23.42 7.37
CA LYS B 95 -0.85 -22.27 6.74
C LYS B 95 0.56 -22.17 7.32
N SER B 96 1.48 -21.55 6.58
CA SER B 96 2.88 -21.38 7.00
C SER B 96 3.03 -20.78 8.38
N THR B 97 2.11 -19.88 8.70
CA THR B 97 2.13 -19.22 10.02
CA THR B 97 2.03 -19.21 10.00
C THR B 97 1.97 -20.19 11.19
N ASP B 98 1.30 -21.33 10.97
CA ASP B 98 1.08 -22.36 11.98
C ASP B 98 1.95 -23.63 11.90
N THR B 99 2.92 -23.67 10.97
CA THR B 99 3.78 -24.85 10.80
C THR B 99 4.39 -25.36 12.10
N GLN B 100 5.09 -24.49 12.82
CA GLN B 100 5.71 -24.90 14.07
C GLN B 100 4.76 -25.34 15.17
N SER B 101 3.70 -24.57 15.41
CA SER B 101 2.75 -24.91 16.48
C SER B 101 2.00 -26.22 16.21
N ALA B 102 1.54 -26.40 14.97
CA ALA B 102 0.83 -27.60 14.60
C ALA B 102 1.77 -28.82 14.63
N ALA B 103 3.00 -28.68 14.16
CA ALA B 103 3.96 -29.78 14.18
C ALA B 103 4.30 -30.21 15.60
N LEU B 104 4.47 -29.26 16.49
CA LEU B 104 4.80 -29.59 17.87
C LEU B 104 3.60 -30.19 18.60
N ALA B 105 2.39 -29.80 18.20
CA ALA B 105 1.17 -30.37 18.79
C ALA B 105 1.04 -31.86 18.46
N LYS B 107 3.65 -33.89 17.32
CA LYS B 107 4.94 -34.61 17.47
C LYS B 107 4.90 -35.81 18.43
N PRO B 108 4.28 -35.66 19.62
CA PRO B 108 4.26 -36.78 20.57
C PRO B 108 3.56 -38.05 20.06
N ALA B 109 2.43 -37.90 19.38
CA ALA B 109 1.67 -39.04 18.88
C ALA B 109 2.13 -39.56 17.52
N LEU B 110 2.97 -38.82 16.82
CA LEU B 110 3.36 -39.19 15.46
C LEU B 110 4.16 -40.51 15.45
N ALA B 111 3.79 -41.44 14.57
CA ALA B 111 4.52 -42.68 14.37
C ALA B 111 5.94 -42.36 13.88
N LYS B 112 6.91 -43.17 14.28
CA LYS B 112 8.29 -42.93 13.93
C LYS B 112 8.56 -43.15 12.44
N SER B 113 7.82 -44.07 11.83
CA SER B 113 7.95 -44.38 10.40
C SER B 113 7.00 -43.59 9.50
N ALA B 114 6.26 -42.64 10.08
CA ALA B 114 5.31 -41.81 9.33
C ALA B 114 6.02 -40.90 8.34
N LEU B 115 5.40 -40.71 7.20
CA LEU B 115 5.88 -39.82 6.17
C LEU B 115 5.02 -38.58 6.29
N VAL B 116 5.63 -37.44 6.52
CA VAL B 116 4.91 -36.17 6.63
C VAL B 116 5.03 -35.42 5.29
N LEU B 117 3.92 -35.16 4.62
CA LEU B 117 3.97 -34.34 3.40
C LEU B 117 3.50 -32.94 3.72
N SER B 118 4.30 -31.96 3.36
CA SER B 118 3.95 -30.57 3.50
C SER B 118 3.19 -30.12 2.26
N LEU B 119 1.87 -30.01 2.39
CA LEU B 119 0.99 -29.50 1.31
CA LEU B 119 0.97 -29.50 1.32
C LEU B 119 0.70 -28.05 1.66
N GLN B 120 1.71 -27.22 1.43
CA GLN B 120 1.64 -25.84 1.79
C GLN B 120 2.41 -25.03 0.79
N ASN B 121 2.16 -23.73 0.83
CA ASN B 121 2.89 -22.76 0.05
C ASN B 121 3.95 -22.22 0.95
N GLY B 122 5.02 -21.71 0.35
CA GLY B 122 6.13 -21.15 1.05
C GLY B 122 7.36 -21.98 0.75
N VAL B 123 8.52 -21.40 1.05
CA VAL B 123 9.77 -22.07 0.82
C VAL B 123 10.41 -22.56 2.12
N GLU B 124 9.84 -22.33 3.30
CA GLU B 124 10.49 -22.77 4.56
C GLU B 124 9.80 -23.86 5.38
N ASN B 125 8.72 -24.37 4.89
CA ASN B 125 7.95 -25.32 5.68
C ASN B 125 8.65 -26.66 5.93
N ALA B 126 9.13 -27.30 4.87
CA ALA B 126 9.82 -28.58 4.97
C ALA B 126 11.02 -28.44 5.91
N ASP B 127 11.81 -27.37 5.73
CA ASP B 127 12.93 -27.14 6.61
C ASP B 127 12.51 -26.96 8.06
N THR B 128 11.46 -26.17 8.27
CA THR B 128 10.94 -25.95 9.60
C THR B 128 10.47 -27.27 10.22
N LEU B 129 9.76 -28.09 9.45
CA LEU B 129 9.30 -29.38 9.94
C LEU B 129 10.46 -30.31 10.29
N ARG B 130 11.49 -30.36 9.43
CA ARG B 130 12.64 -31.23 9.71
C ARG B 130 13.45 -30.77 10.91
N SER B 131 13.34 -29.50 11.31
CA SER B 131 14.11 -29.00 12.45
C SER B 131 13.46 -29.41 13.74
N LEU B 132 12.19 -29.73 13.66
CA LEU B 132 11.36 -30.09 14.80
C LEU B 132 11.05 -31.57 14.92
N LEU B 133 11.10 -32.32 13.83
CA LEU B 133 10.72 -33.70 13.81
C LEU B 133 11.81 -34.63 13.25
N GLU B 134 11.90 -35.83 13.83
CA GLU B 134 12.83 -36.88 13.37
C GLU B 134 12.26 -37.67 12.21
N GLN B 135 10.94 -37.56 11.99
CA GLN B 135 10.27 -38.27 10.90
C GLN B 135 10.62 -37.71 9.53
N GLU B 136 10.58 -38.58 8.52
CA GLU B 136 10.80 -38.19 7.13
C GLU B 136 9.76 -37.16 6.69
N VAL B 137 10.24 -36.06 6.12
CA VAL B 137 9.43 -34.97 5.61
C VAL B 137 9.71 -34.81 4.13
N ALA B 138 8.66 -34.57 3.37
CA ALA B 138 8.78 -34.31 1.94
C ALA B 138 7.90 -33.11 1.55
N ALA B 139 8.48 -32.11 0.90
CA ALA B 139 7.72 -30.96 0.42
C ALA B 139 6.90 -31.36 -0.80
N ALA B 140 5.69 -30.79 -0.89
CA ALA B 140 4.82 -30.95 -2.05
C ALA B 140 4.45 -29.55 -2.53
N VAL B 141 4.22 -29.42 -3.84
CA VAL B 141 3.76 -28.17 -4.40
C VAL B 141 2.29 -28.48 -4.68
N VAL B 142 1.40 -27.66 -4.14
CA VAL B 142 -0.03 -27.84 -4.27
C VAL B 142 -0.58 -26.97 -5.41
N TYR B 143 -1.20 -27.62 -6.40
CA TYR B 143 -1.87 -26.90 -7.50
C TYR B 143 -3.38 -27.17 -7.38
N VAL B 144 -4.13 -26.22 -6.80
CA VAL B 144 -5.56 -26.41 -6.54
C VAL B 144 -6.21 -25.09 -6.15
N ALA B 145 -7.53 -25.02 -6.33
CA ALA B 145 -8.33 -23.88 -5.88
C ALA B 145 -9.46 -24.48 -5.03
N THR B 146 -9.43 -24.22 -3.72
CA THR B 146 -10.44 -24.74 -2.80
CA THR B 146 -10.43 -24.74 -2.78
C THR B 146 -10.72 -23.75 -1.65
N GLU B 147 -11.93 -23.81 -1.11
CA GLU B 147 -12.35 -22.96 0.00
C GLU B 147 -13.30 -23.72 0.91
N ALA B 149 -16.60 -23.59 2.20
CA ALA B 149 -17.90 -22.98 1.92
C ALA B 149 -18.78 -22.79 3.16
N GLY B 150 -18.46 -23.48 4.25
CA GLY B 150 -19.21 -23.40 5.50
C GLY B 150 -18.68 -24.45 6.48
N PRO B 151 -19.39 -24.68 7.60
CA PRO B 151 -18.96 -25.75 8.53
C PRO B 151 -19.05 -27.17 7.90
N GLY B 152 -17.94 -27.90 7.90
CA GLY B 152 -17.81 -29.24 7.33
C GLY B 152 -17.97 -29.33 5.81
N HIS B 153 -17.82 -28.21 5.14
CA HIS B 153 -18.08 -28.12 3.71
C HIS B 153 -16.92 -27.55 2.92
N VAL B 154 -16.34 -28.37 2.04
CA VAL B 154 -15.22 -27.94 1.17
C VAL B 154 -15.73 -27.82 -0.27
N ARG B 155 -15.31 -26.74 -0.95
CA ARG B 155 -15.70 -26.47 -2.33
C ARG B 155 -14.44 -26.34 -3.22
N HIS B 156 -14.34 -27.24 -4.20
CA HIS B 156 -13.24 -27.32 -5.16
C HIS B 156 -13.60 -26.59 -6.45
N HIS B 157 -12.92 -25.47 -6.71
CA HIS B 157 -13.17 -24.66 -7.91
C HIS B 157 -12.36 -25.14 -9.14
N GLY B 158 -11.19 -25.73 -8.90
CA GLY B 158 -10.36 -26.24 -9.99
C GLY B 158 -9.05 -26.90 -9.58
N ARG B 159 -8.50 -27.65 -10.54
CA ARG B 159 -7.24 -28.40 -10.43
C ARG B 159 -7.20 -29.44 -9.28
N GLY B 160 -6.11 -29.50 -8.52
CA GLY B 160 -5.95 -30.47 -7.42
C GLY B 160 -4.95 -31.58 -7.72
N GLU B 161 -3.74 -31.21 -8.15
CA GLU B 161 -2.65 -32.17 -8.41
C GLU B 161 -1.45 -31.81 -7.53
N LEU B 162 -0.44 -32.67 -7.51
CA LEU B 162 0.71 -32.46 -6.65
C LEU B 162 2.04 -32.78 -7.31
N VAL B 163 3.09 -32.09 -6.85
CA VAL B 163 4.46 -32.38 -7.22
C VAL B 163 5.13 -32.56 -5.87
N ILE B 164 5.69 -33.74 -5.63
CA ILE B 164 6.29 -34.09 -4.36
C ILE B 164 7.77 -34.35 -4.55
N GLU B 165 8.58 -34.14 -3.51
CA GLU B 165 10.00 -34.50 -3.53
C GLU B 165 10.05 -36.02 -3.54
N PRO B 166 11.20 -36.62 -3.88
CA PRO B 166 11.29 -38.07 -3.73
C PRO B 166 11.22 -38.49 -2.24
N THR B 167 10.44 -39.55 -2.00
CA THR B 167 10.23 -40.14 -0.68
C THR B 167 10.67 -41.60 -0.75
N SER B 168 10.79 -42.24 0.41
CA SER B 168 11.16 -43.64 0.51
C SER B 168 10.07 -44.56 -0.07
N HIS B 169 8.82 -44.08 -0.07
CA HIS B 169 7.68 -44.77 -0.68
C HIS B 169 7.75 -44.87 -2.23
N GLY B 170 8.57 -44.02 -2.85
CA GLY B 170 8.76 -44.02 -4.30
C GLY B 170 7.53 -43.81 -5.16
N ALA B 171 7.41 -44.63 -6.21
CA ALA B 171 6.29 -44.57 -7.13
C ALA B 171 4.99 -45.06 -6.51
N ASN B 172 5.09 -45.83 -5.41
CA ASN B 172 3.92 -46.30 -4.67
C ASN B 172 3.08 -45.11 -4.22
N LEU B 173 3.73 -44.06 -3.71
CA LEU B 173 3.02 -42.87 -3.24
C LEU B 173 2.21 -42.16 -4.34
N ALA B 174 2.80 -42.05 -5.53
CA ALA B 174 2.12 -41.42 -6.67
C ALA B 174 0.99 -42.29 -7.25
N ALA B 175 1.19 -43.61 -7.26
CA ALA B 175 0.19 -44.57 -7.76
C ALA B 175 -1.09 -44.52 -6.92
N ILE B 176 -0.91 -44.40 -5.60
CA ILE B 176 -2.01 -44.32 -4.62
C ILE B 176 -2.82 -43.03 -4.74
N PHE B 177 -2.17 -41.92 -5.08
CA PHE B 177 -2.88 -40.65 -5.28
C PHE B 177 -3.64 -40.61 -6.60
N ALA B 178 -3.00 -41.09 -7.68
CA ALA B 178 -3.64 -41.13 -9.00
C ALA B 178 -4.89 -42.01 -8.94
N ALA B 179 -4.76 -43.20 -8.31
CA ALA B 179 -5.87 -44.14 -8.11
C ALA B 179 -7.09 -43.52 -7.36
N ALA B 180 -6.85 -42.49 -6.55
CA ALA B 180 -7.89 -41.76 -5.79
C ALA B 180 -8.43 -40.47 -6.45
N GLY B 181 -7.90 -40.10 -7.62
CA GLY B 181 -8.36 -38.91 -8.34
C GLY B 181 -7.57 -37.64 -8.08
N VAL B 182 -6.27 -37.79 -7.79
CA VAL B 182 -5.35 -36.67 -7.54
C VAL B 182 -4.00 -37.03 -8.20
N PRO B 183 -3.71 -36.46 -9.40
CA PRO B 183 -2.45 -36.81 -10.08
C PRO B 183 -1.22 -36.25 -9.36
N VAL B 184 -0.11 -36.96 -9.46
CA VAL B 184 1.14 -36.64 -8.77
C VAL B 184 2.37 -36.83 -9.67
N GLU B 185 3.35 -35.95 -9.52
CA GLU B 185 4.59 -36.04 -10.28
C GLU B 185 5.77 -35.84 -9.32
N THR B 186 6.75 -36.74 -9.30
CA THR B 186 7.94 -36.58 -8.46
C THR B 186 8.95 -35.73 -9.22
N SER B 187 9.62 -34.82 -8.51
CA SER B 187 10.56 -33.89 -9.11
C SER B 187 11.80 -33.71 -8.26
N ASP B 188 12.94 -33.55 -8.93
CA ASP B 188 14.20 -33.34 -8.20
CA ASP B 188 14.23 -33.31 -8.28
C ASP B 188 14.41 -31.82 -7.99
N ASN B 189 13.45 -31.00 -8.46
CA ASN B 189 13.50 -29.55 -8.28
C ASN B 189 12.22 -28.97 -7.69
N VAL B 190 11.69 -29.55 -6.61
CA VAL B 190 10.52 -28.98 -5.91
C VAL B 190 10.89 -27.58 -5.34
N ARG B 191 12.17 -27.36 -5.02
CA ARG B 191 12.65 -26.05 -4.55
C ARG B 191 12.25 -24.98 -5.55
N GLY B 192 12.57 -25.23 -6.80
CA GLY B 192 12.29 -24.32 -7.87
C GLY B 192 10.82 -24.07 -8.06
N ALA B 193 9.99 -25.12 -8.06
CA ALA B 193 8.55 -24.95 -8.20
C ALA B 193 7.97 -24.12 -7.04
N LEU B 194 8.45 -24.35 -5.81
CA LEU B 194 7.99 -23.59 -4.64
C LEU B 194 8.37 -22.11 -4.68
N TRP B 195 9.56 -21.82 -5.19
CA TRP B 195 10.00 -20.46 -5.38
C TRP B 195 9.23 -19.77 -6.51
N ALA B 196 8.95 -20.47 -7.58
CA ALA B 196 8.18 -19.89 -8.69
C ALA B 196 6.82 -19.41 -8.18
N LYS B 197 6.18 -20.26 -7.39
CA LYS B 197 4.89 -19.98 -6.80
C LYS B 197 5.01 -18.83 -5.83
N LEU B 198 6.08 -18.79 -5.05
CA LEU B 198 6.32 -17.69 -4.11
C LEU B 198 6.43 -16.34 -4.80
N ILE B 199 7.17 -16.30 -5.91
CA ILE B 199 7.41 -15.05 -6.66
C ILE B 199 6.09 -14.60 -7.32
N LEU B 200 5.32 -15.54 -7.87
CA LEU B 200 3.98 -15.23 -8.32
C LEU B 200 3.18 -14.54 -7.21
N ASN B 201 3.18 -15.12 -6.02
CA ASN B 201 2.46 -14.54 -4.91
C ASN B 201 3.03 -13.20 -4.46
N CYS B 202 4.33 -13.02 -4.57
CA CYS B 202 4.95 -11.73 -4.23
C CYS B 202 4.52 -10.60 -5.20
N ALA B 203 4.29 -10.95 -6.47
CA ALA B 203 3.87 -10.04 -7.51
C ALA B 203 2.44 -9.56 -7.32
N TYR B 204 1.53 -10.45 -6.91
CA TYR B 204 0.12 -10.12 -6.82
C TYR B 204 -0.64 -9.97 -5.49
N ASN B 205 -0.25 -10.74 -4.49
CA ASN B 205 -1.09 -10.90 -3.31
C ASN B 205 -1.33 -9.67 -2.46
N ALA B 206 -0.25 -8.99 -2.11
CA ALA B 206 -0.23 -7.74 -1.36
C ALA B 206 -0.89 -6.60 -2.14
N LEU B 207 -0.57 -6.41 -3.42
CA LEU B 207 -1.25 -5.39 -4.20
C LEU B 207 -2.76 -5.61 -4.20
N SER B 208 -3.16 -6.85 -4.39
CA SER B 208 -4.58 -7.20 -4.39
C SER B 208 -5.25 -6.99 -3.04
N ALA B 209 -4.53 -7.34 -1.98
CA ALA B 209 -5.05 -7.27 -0.62
C ALA B 209 -5.16 -5.85 -0.10
N ILE B 210 -4.16 -5.03 -0.39
CA ILE B 210 -4.16 -3.63 0.05
C ILE B 210 -5.24 -2.79 -0.67
N THR B 211 -5.48 -3.04 -1.94
CA THR B 211 -6.48 -2.32 -2.74
C THR B 211 -7.83 -3.00 -2.83
N GLN B 212 -7.90 -4.26 -2.41
CA GLN B 212 -9.11 -5.07 -2.51
C GLN B 212 -9.63 -5.10 -3.97
N LEU B 213 -8.71 -5.36 -4.88
CA LEU B 213 -8.99 -5.43 -6.30
C LEU B 213 -8.48 -6.74 -6.85
N PRO B 214 -9.18 -7.26 -7.87
CA PRO B 214 -8.77 -8.48 -8.55
C PRO B 214 -7.59 -8.22 -9.52
N TYR B 215 -6.93 -9.29 -9.93
CA TYR B 215 -5.70 -9.19 -10.72
C TYR B 215 -5.80 -8.38 -11.99
N GLY B 216 -6.88 -8.58 -12.74
CA GLY B 216 -7.15 -7.85 -13.98
C GLY B 216 -7.36 -6.35 -13.82
N ARG B 217 -7.93 -5.92 -12.70
CA ARG B 217 -8.10 -4.49 -12.43
C ARG B 217 -6.78 -3.85 -12.01
N LEU B 218 -6.06 -4.61 -11.23
CA LEU B 218 -4.76 -4.23 -10.65
CA LEU B 218 -4.79 -4.21 -10.65
C LEU B 218 -3.71 -3.86 -11.69
N VAL B 219 -3.52 -4.73 -12.67
CA VAL B 219 -2.50 -4.52 -13.70
C VAL B 219 -2.69 -3.33 -14.63
N ARG B 220 -3.85 -2.71 -14.59
CA ARG B 220 -4.19 -1.54 -15.39
CA ARG B 220 -4.11 -1.52 -15.40
C ARG B 220 -4.02 -0.20 -14.64
N GLY B 221 -3.72 -0.26 -13.35
CA GLY B 221 -3.48 0.95 -12.62
C GLY B 221 -2.15 1.52 -13.13
N GLU B 222 -2.04 2.85 -13.12
CA GLU B 222 -0.82 3.48 -13.56
C GLU B 222 0.33 3.05 -12.68
N GLY B 223 1.43 2.68 -13.32
CA GLY B 223 2.62 2.31 -12.60
C GLY B 223 2.69 0.89 -12.13
N VAL B 224 1.60 0.15 -12.20
CA VAL B 224 1.54 -1.21 -11.64
C VAL B 224 2.43 -2.21 -12.37
N GLU B 225 2.45 -2.19 -13.69
CA GLU B 225 3.35 -3.10 -14.39
C GLU B 225 4.83 -2.89 -14.00
N ALA B 226 5.21 -1.64 -13.77
CA ALA B 226 6.58 -1.27 -13.34
C ALA B 226 6.81 -1.63 -11.88
N VAL B 227 5.77 -1.54 -11.04
CA VAL B 227 5.92 -2.03 -9.64
C VAL B 227 6.17 -3.56 -9.65
N ARG B 229 7.45 -5.36 -11.98
CA ARG B 229 8.82 -5.55 -12.47
C ARG B 229 9.79 -5.42 -11.31
N ASP B 230 9.66 -4.35 -10.54
CA ASP B 230 10.56 -4.09 -9.43
C ASP B 230 10.50 -5.20 -8.42
N VAL B 231 9.30 -5.59 -8.01
CA VAL B 231 9.08 -6.67 -7.06
C VAL B 231 9.71 -7.94 -7.59
N GLU B 233 12.07 -8.40 -9.99
CA GLU B 233 13.51 -8.37 -10.13
CA GLU B 233 13.52 -8.27 -10.12
C GLU B 233 14.21 -8.54 -8.77
N GLU B 234 13.62 -8.02 -7.70
CA GLU B 234 14.13 -8.19 -6.36
C GLU B 234 14.09 -9.69 -5.99
N CYS B 235 12.97 -10.34 -6.29
CA CYS B 235 12.80 -11.76 -6.03
C CYS B 235 13.74 -12.63 -6.87
N PHE B 236 13.90 -12.32 -8.14
CA PHE B 236 14.84 -13.06 -8.96
C PHE B 236 16.28 -12.91 -8.49
N ALA B 237 16.63 -11.74 -7.96
CA ALA B 237 17.98 -11.50 -7.45
C ALA B 237 18.21 -12.37 -6.21
N VAL B 238 17.21 -12.41 -5.31
CA VAL B 238 17.29 -13.28 -4.12
C VAL B 238 17.31 -14.76 -4.54
N ALA B 239 16.49 -15.17 -5.50
CA ALA B 239 16.48 -16.58 -5.94
C ALA B 239 17.83 -16.97 -6.54
N ARG B 240 18.47 -16.06 -7.28
CA ARG B 240 19.79 -16.37 -7.86
C ARG B 240 20.83 -16.56 -6.79
N ALA B 241 20.86 -15.65 -5.82
CA ALA B 241 21.83 -15.75 -4.73
C ALA B 241 21.63 -17.02 -3.91
N GLU B 242 20.39 -17.50 -3.86
CA GLU B 242 20.03 -18.72 -3.15
C GLU B 242 20.16 -20.00 -3.97
N GLY B 243 20.72 -19.90 -5.16
CA GLY B 243 20.97 -21.04 -6.03
C GLY B 243 19.76 -21.75 -6.56
N VAL B 244 18.64 -21.05 -6.62
CA VAL B 244 17.38 -21.63 -7.08
C VAL B 244 17.31 -21.63 -8.58
N LYS B 245 16.93 -22.77 -9.16
CA LYS B 245 16.75 -22.87 -10.60
CA LYS B 245 16.76 -22.94 -10.58
C LYS B 245 15.25 -22.81 -10.85
N LEU B 246 14.83 -21.68 -11.41
CA LEU B 246 13.44 -21.41 -11.70
C LEU B 246 13.12 -21.85 -13.12
N PRO B 247 11.83 -22.04 -13.44
CA PRO B 247 11.44 -22.33 -14.82
C PRO B 247 11.87 -21.22 -15.81
N ASP B 248 12.06 -21.59 -17.06
CA ASP B 248 12.61 -20.67 -18.07
C ASP B 248 11.78 -19.41 -18.37
N ASP B 249 10.45 -19.56 -18.44
CA ASP B 249 9.57 -18.45 -18.75
C ASP B 249 8.79 -17.97 -17.53
N VAL B 250 9.36 -18.07 -16.34
CA VAL B 250 8.67 -17.72 -15.11
C VAL B 250 8.11 -16.28 -15.11
N ALA B 251 8.85 -15.29 -15.61
CA ALA B 251 8.35 -13.93 -15.62
C ALA B 251 7.11 -13.76 -16.50
N LEU B 252 7.10 -14.36 -17.68
CA LEU B 252 5.94 -14.32 -18.57
C LEU B 252 4.74 -15.04 -17.99
N ALA B 253 5.00 -16.21 -17.37
CA ALA B 253 3.97 -17.00 -16.71
C ALA B 253 3.32 -16.17 -15.60
N ILE B 254 4.12 -15.46 -14.81
CA ILE B 254 3.56 -14.56 -13.77
C ILE B 254 2.68 -13.44 -14.35
N ARG B 255 3.16 -12.80 -15.41
CA ARG B 255 2.41 -11.72 -16.02
C ARG B 255 1.10 -12.18 -16.61
N ARG B 256 1.08 -13.40 -17.11
CA ARG B 256 -0.10 -13.96 -17.75
C ARG B 256 -1.24 -14.35 -16.78
N ILE B 257 -0.97 -14.41 -15.49
CA ILE B 257 -2.00 -14.73 -14.51
C ILE B 257 -3.11 -13.68 -14.46
N ALA B 258 -2.76 -12.41 -14.66
CA ALA B 258 -3.72 -11.31 -14.70
C ALA B 258 -4.70 -11.51 -15.84
N GLU B 259 -4.29 -12.27 -16.85
CA GLU B 259 -5.11 -12.53 -18.04
C GLU B 259 -5.98 -13.77 -17.90
N THR B 260 -5.48 -14.81 -17.22
CA THR B 260 -6.25 -16.03 -17.02
C THR B 260 -7.12 -16.02 -15.75
N PRO B 262 -8.62 -12.91 -14.37
CA PRO B 262 -8.84 -11.47 -14.32
C PRO B 262 -9.71 -10.96 -13.17
N ARG B 263 -10.65 -11.78 -12.69
CA ARG B 263 -11.58 -11.38 -11.61
C ARG B 263 -11.28 -12.00 -10.27
N GLN B 264 -10.09 -12.57 -10.17
CA GLN B 264 -9.60 -13.21 -8.98
C GLN B 264 -8.88 -12.24 -8.04
N SER B 265 -9.19 -12.33 -6.75
CA SER B 265 -8.49 -11.56 -5.74
C SER B 265 -7.66 -12.60 -4.98
N SER B 266 -6.64 -12.14 -4.28
CA SER B 266 -5.73 -13.03 -3.64
C SER B 266 -6.23 -13.52 -2.29
N SER B 267 -5.66 -14.64 -1.85
CA SER B 267 -5.92 -15.22 -0.57
C SER B 267 -5.67 -14.17 0.52
N THR B 268 -4.54 -13.48 0.42
CA THR B 268 -4.23 -12.38 1.33
C THR B 268 -5.35 -11.32 1.35
N ALA B 269 -5.90 -11.01 0.18
CA ALA B 269 -7.01 -10.06 0.10
C ALA B 269 -8.23 -10.57 0.86
N GLN B 270 -8.51 -11.86 0.75
CA GLN B 270 -9.66 -12.50 1.38
C GLN B 270 -9.45 -12.57 2.88
N ASP B 271 -8.22 -12.83 3.30
CA ASP B 271 -7.85 -12.81 4.73
C ASP B 271 -8.10 -11.42 5.34
N LEU B 272 -7.58 -10.38 4.73
CA LEU B 272 -7.81 -9.02 5.22
C LEU B 272 -9.28 -8.61 5.17
N ALA B 273 -10.02 -9.00 4.15
CA ALA B 273 -11.46 -8.70 4.11
C ALA B 273 -12.21 -9.32 5.31
N ARG B 274 -11.76 -10.50 5.75
CA ARG B 274 -12.35 -11.25 6.87
C ARG B 274 -11.70 -11.04 8.26
N GLY B 275 -10.71 -10.15 8.37
CA GLY B 275 -10.06 -9.89 9.65
C GLY B 275 -9.17 -11.00 10.16
N LYS B 276 -8.67 -11.82 9.24
CA LYS B 276 -7.79 -12.94 9.57
CA LYS B 276 -7.79 -12.93 9.57
C LYS B 276 -6.34 -12.54 9.26
N ARG B 277 -5.41 -13.23 9.90
CA ARG B 277 -3.98 -12.99 9.77
C ARG B 277 -3.58 -13.70 8.47
N SER B 278 -2.86 -12.97 7.63
CA SER B 278 -2.37 -13.51 6.35
C SER B 278 -1.03 -14.22 6.51
N GLU B 279 -0.56 -14.78 5.40
CA GLU B 279 0.71 -15.45 5.33
C GLU B 279 1.78 -14.47 4.79
N ILE B 280 1.58 -13.14 4.91
CA ILE B 280 2.49 -12.14 4.34
C ILE B 280 3.92 -12.29 4.82
N ASP B 281 4.12 -12.79 6.06
CA ASP B 281 5.48 -12.99 6.57
C ASP B 281 6.23 -14.06 5.80
N HIS B 282 5.50 -14.88 5.04
CA HIS B 282 6.08 -15.98 4.26
C HIS B 282 6.00 -15.76 2.74
N LEU B 283 5.56 -14.57 2.35
CA LEU B 283 5.49 -14.14 0.96
C LEU B 283 6.51 -13.01 0.80
N ASN B 284 6.07 -11.77 0.75
CA ASN B 284 6.98 -10.68 0.57
C ASN B 284 7.93 -10.59 1.76
N GLY B 285 7.51 -11.04 2.94
CA GLY B 285 8.34 -10.97 4.16
C GLY B 285 9.54 -11.86 4.05
N LEU B 286 9.37 -13.01 3.44
CA LEU B 286 10.47 -13.93 3.21
C LEU B 286 11.53 -13.26 2.32
N ILE B 287 11.09 -12.65 1.22
CA ILE B 287 12.01 -11.96 0.33
C ILE B 287 12.74 -10.83 1.06
N VAL B 288 12.03 -10.12 1.92
CA VAL B 288 12.65 -9.07 2.68
C VAL B 288 13.73 -9.58 3.60
N ARG B 289 13.37 -10.57 4.42
CA ARG B 289 14.31 -11.17 5.39
CA ARG B 289 14.27 -11.15 5.40
C ARG B 289 15.51 -11.73 4.68
N ARG B 290 15.28 -12.42 3.59
CA ARG B 290 16.35 -13.03 2.86
C ARG B 290 17.24 -12.04 2.13
N GLY B 291 16.62 -11.04 1.49
CA GLY B 291 17.36 -10.00 0.81
C GLY B 291 18.24 -9.23 1.76
N ASP B 292 17.69 -8.84 2.92
CA ASP B 292 18.48 -8.14 3.91
C ASP B 292 19.67 -8.97 4.35
N ALA B 293 19.48 -10.27 4.62
CA ALA B 293 20.58 -11.18 4.97
C ALA B 293 21.67 -11.37 3.89
N LEU B 294 21.30 -11.17 2.64
CA LEU B 294 22.20 -11.34 1.52
C LEU B 294 22.77 -10.05 0.96
N GLY B 295 22.34 -8.88 1.44
CA GLY B 295 22.83 -7.61 0.92
C GLY B 295 22.18 -7.19 -0.37
N ILE B 296 20.97 -7.70 -0.62
CA ILE B 296 20.23 -7.44 -1.83
C ILE B 296 19.11 -6.46 -1.49
N PRO B 297 19.06 -5.30 -2.18
CA PRO B 297 17.97 -4.35 -1.91
C PRO B 297 16.61 -4.95 -2.21
N VAL B 298 15.64 -4.79 -1.30
CA VAL B 298 14.29 -5.33 -1.47
C VAL B 298 13.24 -4.26 -1.10
N PRO B 299 13.37 -3.02 -1.63
CA PRO B 299 12.47 -1.97 -1.23
C PRO B 299 10.99 -2.07 -1.61
N ALA B 300 10.67 -2.54 -2.80
CA ALA B 300 9.31 -2.69 -3.27
C ALA B 300 8.62 -3.77 -2.44
N ASN B 301 9.30 -4.90 -2.25
CA ASN B 301 8.83 -5.99 -1.40
C ASN B 301 8.65 -5.56 0.03
N ARG B 302 9.51 -4.68 0.52
CA ARG B 302 9.43 -4.22 1.92
C ARG B 302 8.23 -3.32 2.14
N VAL B 303 7.91 -2.45 1.18
CA VAL B 303 6.72 -1.58 1.28
C VAL B 303 5.43 -2.41 1.26
N LEU B 304 5.37 -3.41 0.41
CA LEU B 304 4.16 -4.26 0.36
C LEU B 304 3.97 -5.09 1.65
N HIS B 305 5.05 -5.62 2.21
CA HIS B 305 5.00 -6.36 3.45
C HIS B 305 4.60 -5.48 4.63
N ALA B 306 5.26 -4.34 4.80
CA ALA B 306 4.94 -3.39 5.87
C ALA B 306 3.49 -2.91 5.81
N LEU B 307 3.00 -2.63 4.61
CA LEU B 307 1.63 -2.15 4.41
C LEU B 307 0.59 -3.18 4.77
N VAL B 308 0.77 -4.44 4.37
CA VAL B 308 -0.18 -5.49 4.77
C VAL B 308 -0.20 -5.69 6.29
N ARG B 309 0.97 -5.64 6.91
CA ARG B 309 1.08 -5.82 8.35
CA ARG B 309 1.11 -5.80 8.35
C ARG B 309 0.48 -4.66 9.12
N LEU B 310 0.57 -3.45 8.58
CA LEU B 310 -0.04 -2.31 9.25
C LEU B 310 -1.55 -2.45 9.25
N ILE B 311 -2.10 -2.88 8.12
CA ILE B 311 -3.54 -3.06 7.96
C ILE B 311 -4.01 -4.19 8.87
N GLU B 312 -3.29 -5.31 8.88
CA GLU B 312 -3.57 -6.44 9.77
C GLU B 312 -3.58 -6.06 11.23
N ASP B 313 -2.66 -5.18 11.63
CA ASP B 313 -2.53 -4.71 13.04
C ASP B 313 -3.57 -3.69 13.47
N LYS B 314 -4.13 -2.95 12.52
CA LYS B 314 -5.18 -2.00 12.81
C LYS B 314 -6.43 -2.84 13.09
N GLN B 315 -6.74 -3.76 12.17
CA GLN B 315 -7.90 -4.72 12.30
C GLN B 315 -7.90 -5.45 13.63
N GLN B 316 -6.70 -5.83 14.09
CA GLN B 316 -6.52 -6.54 15.34
C GLN B 316 -6.76 -5.63 16.57
N HIS B 317 -6.33 -4.35 16.50
CA HIS B 317 -6.49 -3.41 17.64
C HIS B 317 -7.38 -2.21 17.30
#